data_7EF6
#
_entry.id   7EF6
#
_cell.length_a   37.063
_cell.length_b   55.276
_cell.length_c   57.154
_cell.angle_alpha   90.0
_cell.angle_beta   93.862
_cell.angle_gamma   90.0
#
_symmetry.space_group_name_H-M   'P 1 21 1'
#
loop_
_entity.id
_entity.type
_entity.pdbx_description
1 polymer 'Xanthosine monophosphate phosphatase'
2 non-polymer 'MAGNESIUM ION'
3 water water
#
_entity_poly.entity_id   1
_entity_poly.type   'polypeptide(L)'
_entity_poly.pdbx_seq_one_letter_code
;MDFSPINCLIFDLDDTLYPLKTGIAPAVKKNIDDFLVEKFGFSESKASSLRVELFKTYGSTLAGLRALGHDVHPDEYHSF
VHGRLPYGSIEPNNKLRNLLNKIKQRKIIFTNSDKNHAVKVLKKLGLEDCFEEMICFETMNPNLFGSTTRPDEYPVVLKP
SLTAMDICIRVANVDPRRTVFLDDNIHNITAGKSVGLRTILVGRAEKTKDADYAVETVTEIATAVPEIWATATATGGFDV
GGERIRRSKS
;
_entity_poly.pdbx_strand_id   A
#
loop_
_chem_comp.id
_chem_comp.type
_chem_comp.name
_chem_comp.formula
MG non-polymer 'MAGNESIUM ION' 'Mg 2'
#
# COMPACT_ATOMS: atom_id res chain seq x y z
N ASP A 2 -30.98 -1.78 -0.62
CA ASP A 2 -30.57 -2.24 -1.95
C ASP A 2 -29.33 -3.13 -1.85
N PHE A 3 -29.15 -4.03 -2.81
CA PHE A 3 -28.01 -4.95 -2.75
C PHE A 3 -26.94 -4.71 -3.81
N SER A 4 -25.73 -4.40 -3.35
CA SER A 4 -24.55 -4.31 -4.19
C SER A 4 -23.63 -5.45 -3.80
N PRO A 5 -23.49 -6.42 -4.69
CA PRO A 5 -22.58 -7.53 -4.44
C PRO A 5 -21.14 -7.00 -4.39
N ILE A 6 -20.29 -7.79 -3.77
CA ILE A 6 -18.85 -7.52 -3.77
C ILE A 6 -18.24 -8.49 -4.74
N ASN A 7 -17.62 -7.98 -5.82
CA ASN A 7 -16.98 -8.87 -6.79
C ASN A 7 -15.44 -8.81 -6.74
N CYS A 8 -14.93 -7.87 -5.94
CA CYS A 8 -13.48 -7.61 -5.92
C CYS A 8 -13.08 -7.05 -4.59
N LEU A 9 -11.92 -7.50 -4.11
CA LEU A 9 -11.33 -6.97 -2.90
C LEU A 9 -9.94 -6.40 -3.24
N ILE A 10 -9.69 -5.15 -2.86
CA ILE A 10 -8.37 -4.53 -3.07
C ILE A 10 -7.71 -4.46 -1.71
N PHE A 11 -6.54 -5.09 -1.56
CA PHE A 11 -5.82 -5.08 -0.30
C PHE A 11 -4.57 -4.23 -0.38
N ASP A 12 -4.41 -3.31 0.55
CA ASP A 12 -3.10 -2.78 0.87
C ASP A 12 -2.19 -3.93 1.31
N LEU A 13 -0.87 -3.70 1.26
CA LEU A 13 0.11 -4.70 1.69
C LEU A 13 0.62 -4.39 3.09
N ASP A 14 1.52 -3.42 3.18
CA ASP A 14 2.19 -3.13 4.46
C ASP A 14 1.25 -2.71 5.56
N ASP A 15 1.32 -3.41 6.70
CA ASP A 15 0.50 -3.16 7.89
C ASP A 15 -0.99 -3.43 7.70
N THR A 16 -1.35 -4.03 6.57
CA THR A 16 -2.72 -4.52 6.37
C THR A 16 -2.69 -6.04 6.33
N LEU A 17 -1.88 -6.64 5.47
CA LEU A 17 -1.82 -8.10 5.37
C LEU A 17 -0.93 -8.71 6.44
N TYR A 18 -0.08 -7.89 7.07
CA TYR A 18 0.61 -8.28 8.32
C TYR A 18 0.34 -7.12 9.32
N PRO A 19 0.37 -7.37 10.63
CA PRO A 19 0.02 -6.31 11.58
C PRO A 19 1.15 -5.28 11.74
N LEU A 20 0.74 -4.05 11.98
CA LEU A 20 1.68 -2.97 12.21
C LEU A 20 2.72 -3.32 13.27
N LYS A 21 2.31 -4.02 14.33
CA LYS A 21 3.23 -4.38 15.41
C LYS A 21 4.36 -5.32 15.01
N THR A 22 4.36 -5.81 13.76
CA THR A 22 5.45 -6.61 13.21
C THR A 22 6.74 -5.80 13.28
N GLY A 23 6.65 -4.48 13.15
CA GLY A 23 7.83 -3.63 13.29
C GLY A 23 8.51 -3.24 12.00
N ILE A 24 7.92 -3.57 10.87
CA ILE A 24 8.46 -3.14 9.57
C ILE A 24 8.38 -1.62 9.42
N ALA A 25 7.29 -1.00 9.86
CA ALA A 25 7.09 0.42 9.60
C ALA A 25 8.18 1.29 10.27
N PRO A 26 8.50 1.07 11.56
CA PRO A 26 9.58 1.90 12.12
C PRO A 26 10.92 1.57 11.49
N ALA A 27 11.15 0.36 11.02
CA ALA A 27 12.40 0.05 10.33
C ALA A 27 12.48 0.82 9.02
N VAL A 28 11.39 0.98 8.31
CA VAL A 28 11.38 1.72 7.07
C VAL A 28 11.71 3.19 7.38
N LYS A 29 11.09 3.75 8.42
CA LYS A 29 11.39 5.15 8.79
C LYS A 29 12.89 5.33 9.09
N LYS A 30 13.46 4.40 9.87
CA LYS A 30 14.88 4.45 10.20
C LYS A 30 15.70 4.35 8.94
N ASN A 31 15.34 3.47 8.03
CA ASN A 31 16.09 3.31 6.79
C ASN A 31 16.04 4.52 5.89
N ILE A 32 14.90 5.22 5.85
CA ILE A 32 14.77 6.43 5.08
C ILE A 32 15.70 7.50 5.70
N ASP A 33 15.70 7.60 7.02
CA ASP A 33 16.59 8.56 7.68
C ASP A 33 18.03 8.23 7.34
N ASP A 34 18.41 6.97 7.43
CA ASP A 34 19.77 6.57 7.10
C ASP A 34 20.11 6.82 5.62
N PHE A 35 19.15 6.70 4.71
CA PHE A 35 19.36 7.03 3.31
C PHE A 35 19.66 8.51 3.15
N LEU A 36 18.92 9.37 3.83
CA LEU A 36 19.16 10.82 3.77
C LEU A 36 20.52 11.18 4.38
N VAL A 37 20.92 10.46 5.44
CA VAL A 37 22.28 10.69 6.01
C VAL A 37 23.31 10.29 4.97
N GLU A 38 23.15 9.16 4.30
CA GLU A 38 24.12 8.75 3.28
C GLU A 38 24.13 9.72 2.10
N LYS A 39 22.98 10.22 1.68
CA LYS A 39 22.91 11.11 0.54
C LYS A 39 23.49 12.47 0.87
N PHE A 40 23.22 13.03 2.05
CA PHE A 40 23.45 14.46 2.25
C PHE A 40 24.43 14.77 3.38
N GLY A 41 24.81 13.75 4.14
CA GLY A 41 25.76 13.97 5.23
C GLY A 41 25.11 14.72 6.38
N PHE A 42 23.78 14.65 6.43
CA PHE A 42 22.96 15.15 7.53
C PHE A 42 23.26 14.40 8.82
N SER A 43 23.02 15.01 9.98
CA SER A 43 22.86 14.23 11.18
C SER A 43 21.56 13.40 11.09
N GLU A 44 21.44 12.38 11.92
CA GLU A 44 20.20 11.57 11.94
C GLU A 44 19.03 12.45 12.29
N SER A 45 19.26 13.39 13.20
CA SER A 45 18.17 14.27 13.61
C SER A 45 17.68 15.16 12.47
N LYS A 46 18.62 15.73 11.72
CA LYS A 46 18.22 16.52 10.55
C LYS A 46 17.52 15.62 9.47
N ALA A 47 18.04 14.40 9.29
CA ALA A 47 17.43 13.43 8.36
C ALA A 47 15.95 13.22 8.67
N SER A 48 15.64 12.99 9.95
CA SER A 48 14.24 12.81 10.36
C SER A 48 13.37 14.02 10.04
N SER A 49 13.92 15.21 10.29
CA SER A 49 13.21 16.44 9.98
C SER A 49 12.88 16.55 8.50
N LEU A 50 13.85 16.26 7.64
CA LEU A 50 13.59 16.29 6.21
C LEU A 50 12.61 15.20 5.76
N ARG A 51 12.74 13.99 6.29
CA ARG A 51 11.79 12.93 5.93
C ARG A 51 10.36 13.36 6.12
N VAL A 52 10.04 13.91 7.30
CA VAL A 52 8.63 14.16 7.57
C VAL A 52 8.11 15.28 6.69
N GLU A 53 8.94 16.28 6.43
CA GLU A 53 8.56 17.37 5.53
C GLU A 53 8.29 16.84 4.12
N LEU A 54 9.22 16.04 3.59
CA LEU A 54 9.04 15.50 2.25
C LEU A 54 7.85 14.56 2.19
N PHE A 55 7.64 13.77 3.23
CA PHE A 55 6.46 12.89 3.31
C PHE A 55 5.15 13.67 3.27
N LYS A 56 5.10 14.73 4.06
CA LYS A 56 3.91 15.59 4.14
C LYS A 56 3.66 16.35 2.86
N THR A 57 4.73 16.92 2.31
CA THR A 57 4.58 17.77 1.12
C THR A 57 4.37 16.95 -0.17
N TYR A 58 5.04 15.82 -0.32
CA TYR A 58 5.11 15.16 -1.63
C TYR A 58 4.65 13.72 -1.63
N GLY A 59 4.45 13.16 -0.46
CA GLY A 59 3.96 11.80 -0.34
C GLY A 59 4.97 10.77 0.12
N SER A 60 6.26 11.06 -0.10
CA SER A 60 7.35 10.23 0.40
C SER A 60 8.63 11.00 0.17
N THR A 61 9.67 10.50 0.81
CA THR A 61 11.00 11.08 0.67
C THR A 61 11.50 10.94 -0.79
N LEU A 62 11.23 9.80 -1.43
CA LEU A 62 11.61 9.64 -2.80
C LEU A 62 10.92 10.67 -3.69
N ALA A 63 9.59 10.75 -3.53
CA ALA A 63 8.84 11.75 -4.29
C ALA A 63 9.41 13.16 -4.11
N GLY A 64 9.69 13.50 -2.85
CA GLY A 64 10.19 14.84 -2.56
C GLY A 64 11.57 15.13 -3.10
N LEU A 65 12.48 14.18 -2.98
CA LEU A 65 13.81 14.41 -3.51
C LEU A 65 13.76 14.67 -5.00
N ARG A 66 12.98 13.90 -5.74
CA ARG A 66 12.87 14.13 -7.20
C ARG A 66 12.20 15.47 -7.51
N ALA A 67 11.16 15.84 -6.75
CA ALA A 67 10.50 17.13 -6.95
C ALA A 67 11.46 18.29 -6.71
N LEU A 68 12.43 18.10 -5.81
CA LEU A 68 13.40 19.14 -5.49
C LEU A 68 14.64 19.11 -6.38
N GLY A 69 14.67 18.22 -7.36
CA GLY A 69 15.70 18.21 -8.37
C GLY A 69 16.82 17.18 -8.25
N HIS A 70 16.66 16.20 -7.37
CA HIS A 70 17.63 15.13 -7.24
C HIS A 70 17.22 13.94 -8.10
N ASP A 71 18.13 13.50 -8.95
CA ASP A 71 17.96 12.40 -9.91
C ASP A 71 18.16 11.07 -9.16
N VAL A 72 17.36 10.81 -8.12
CA VAL A 72 17.40 9.55 -7.36
C VAL A 72 16.56 8.49 -8.06
N HIS A 73 17.22 7.49 -8.63
CA HIS A 73 16.51 6.41 -9.29
C HIS A 73 15.71 5.65 -8.24
N PRO A 74 14.44 5.24 -8.55
CA PRO A 74 13.68 4.51 -7.54
C PRO A 74 14.37 3.26 -7.05
N ASP A 75 15.17 2.59 -7.89
CA ASP A 75 15.80 1.35 -7.43
C ASP A 75 16.84 1.58 -6.33
N GLU A 76 17.57 2.67 -6.46
CA GLU A 76 18.53 3.06 -5.44
C GLU A 76 17.81 3.23 -4.12
N TYR A 77 16.73 4.01 -4.15
CA TYR A 77 15.96 4.27 -2.92
C TYR A 77 15.38 2.97 -2.33
N HIS A 78 14.70 2.16 -3.15
CA HIS A 78 14.01 0.97 -2.62
C HIS A 78 14.98 -0.11 -2.18
N SER A 79 16.11 -0.21 -2.87
CA SER A 79 17.11 -1.19 -2.45
C SER A 79 17.63 -0.87 -1.06
N PHE A 80 17.82 0.42 -0.78
CA PHE A 80 18.28 0.84 0.53
C PHE A 80 17.16 0.70 1.58
N VAL A 81 16.02 1.29 1.29
CA VAL A 81 14.96 1.42 2.27
C VAL A 81 14.20 0.13 2.54
N HIS A 82 13.96 -0.66 1.50
CA HIS A 82 13.29 -1.96 1.71
C HIS A 82 14.27 -3.12 1.74
N GLY A 83 15.34 -3.04 0.95
CA GLY A 83 16.28 -4.14 0.91
C GLY A 83 16.89 -4.52 2.24
N ARG A 84 16.96 -3.54 3.15
CA ARG A 84 17.60 -3.72 4.45
C ARG A 84 16.69 -4.28 5.50
N LEU A 85 15.42 -4.44 5.15
CA LEU A 85 14.39 -4.84 6.11
C LEU A 85 14.53 -6.28 6.64
N PRO A 86 14.11 -6.46 7.89
CA PRO A 86 14.11 -7.78 8.50
C PRO A 86 12.89 -8.59 8.02
N TYR A 87 12.92 -9.06 6.79
CA TYR A 87 11.77 -9.80 6.25
C TYR A 87 11.47 -11.08 7.04
N GLY A 88 12.48 -11.59 7.71
CA GLY A 88 12.32 -12.77 8.56
C GLY A 88 11.34 -12.57 9.69
N SER A 89 11.09 -11.32 10.06
CA SER A 89 10.17 -11.00 11.15
C SER A 89 8.69 -11.05 10.72
N ILE A 90 8.42 -11.13 9.42
CA ILE A 90 7.06 -11.24 8.90
C ILE A 90 6.65 -12.70 9.01
N GLU A 91 5.62 -12.92 9.81
CA GLU A 91 5.13 -14.27 10.13
C GLU A 91 4.08 -14.74 9.13
N PRO A 92 4.16 -16.01 8.71
CA PRO A 92 3.03 -16.51 7.92
C PRO A 92 1.75 -16.50 8.74
N ASN A 93 0.67 -16.27 8.03
CA ASN A 93 -0.67 -16.24 8.63
C ASN A 93 -1.55 -17.25 7.94
N ASN A 94 -1.57 -18.45 8.52
CA ASN A 94 -2.29 -19.58 7.95
C ASN A 94 -3.79 -19.34 7.91
N LYS A 95 -4.30 -18.73 8.95
CA LYS A 95 -5.74 -18.36 8.98
C LYS A 95 -6.07 -17.45 7.77
N LEU A 96 -5.18 -16.46 7.53
CA LEU A 96 -5.37 -15.54 6.41
C LEU A 96 -5.28 -16.22 5.04
N ARG A 97 -4.29 -17.08 4.87
CA ARG A 97 -4.17 -17.85 3.65
C ARG A 97 -5.45 -18.68 3.40
N ASN A 98 -5.97 -19.33 4.44
CA ASN A 98 -7.18 -20.14 4.27
C ASN A 98 -8.36 -19.27 3.90
N LEU A 99 -8.47 -18.12 4.55
CA LEU A 99 -9.54 -17.20 4.24
C LEU A 99 -9.49 -16.72 2.80
N LEU A 100 -8.32 -16.27 2.38
CA LEU A 100 -8.20 -15.78 1.01
C LEU A 100 -8.52 -16.88 0.00
N ASN A 101 -8.09 -18.09 0.29
CA ASN A 101 -8.43 -19.22 -0.59
C ASN A 101 -9.93 -19.55 -0.62
N LYS A 102 -10.65 -19.26 0.45
CA LYS A 102 -12.10 -19.53 0.50
C LYS A 102 -12.86 -18.43 -0.23
N ILE A 103 -12.28 -17.23 -0.24
CA ILE A 103 -12.93 -16.07 -0.85
C ILE A 103 -12.89 -16.20 -2.35
N LYS A 104 -14.05 -16.13 -2.97
CA LYS A 104 -14.13 -16.37 -4.41
C LYS A 104 -13.88 -15.12 -5.27
N GLN A 105 -14.08 -13.96 -4.69
CA GLN A 105 -13.85 -12.70 -5.40
C GLN A 105 -12.41 -12.53 -5.82
N ARG A 106 -12.27 -11.83 -6.93
CA ARG A 106 -10.97 -11.30 -7.40
C ARG A 106 -10.27 -10.54 -6.27
N LYS A 107 -9.00 -10.84 -6.05
CA LYS A 107 -8.21 -10.11 -5.04
C LYS A 107 -7.02 -9.40 -5.67
N ILE A 108 -6.85 -8.13 -5.31
CA ILE A 108 -5.85 -7.25 -5.93
C ILE A 108 -4.97 -6.72 -4.81
N ILE A 109 -3.67 -6.53 -5.04
CA ILE A 109 -2.76 -5.79 -4.15
C ILE A 109 -2.66 -4.37 -4.65
N PHE A 110 -2.66 -3.40 -3.73
CA PHE A 110 -2.49 -1.99 -4.09
C PHE A 110 -1.55 -1.38 -3.07
N THR A 111 -0.32 -1.12 -3.50
CA THR A 111 0.77 -0.75 -2.59
C THR A 111 1.67 0.35 -3.15
N ASN A 112 2.18 1.23 -2.29
CA ASN A 112 3.21 2.19 -2.67
C ASN A 112 4.56 1.55 -2.80
N SER A 113 4.73 0.34 -2.23
CA SER A 113 6.03 -0.33 -2.31
C SER A 113 6.35 -0.86 -3.71
N ASP A 114 7.65 -1.01 -3.97
CA ASP A 114 8.10 -1.65 -5.20
C ASP A 114 7.68 -3.14 -5.23
N LYS A 115 7.53 -3.67 -6.43
CA LYS A 115 7.14 -5.06 -6.60
C LYS A 115 8.05 -6.02 -5.86
N ASN A 116 9.35 -5.75 -5.86
CA ASN A 116 10.28 -6.67 -5.24
C ASN A 116 9.97 -6.85 -3.76
N HIS A 117 9.71 -5.74 -3.09
CA HIS A 117 9.33 -5.75 -1.69
C HIS A 117 8.03 -6.51 -1.50
N ALA A 118 7.03 -6.18 -2.31
CA ALA A 118 5.69 -6.77 -2.18
C ALA A 118 5.74 -8.28 -2.34
N VAL A 119 6.47 -8.74 -3.34
CA VAL A 119 6.60 -10.20 -3.57
C VAL A 119 7.30 -10.87 -2.39
N LYS A 120 8.33 -10.24 -1.83
CA LYS A 120 8.98 -10.83 -0.66
C LYS A 120 8.04 -10.94 0.51
N VAL A 121 7.23 -9.91 0.75
CA VAL A 121 6.27 -9.93 1.85
C VAL A 121 5.20 -11.00 1.62
N LEU A 122 4.68 -11.11 0.41
CA LEU A 122 3.64 -12.13 0.14
C LEU A 122 4.22 -13.52 0.31
N LYS A 123 5.48 -13.71 -0.06
CA LYS A 123 6.12 -15.02 0.12
C LYS A 123 6.23 -15.34 1.60
N LYS A 124 6.69 -14.40 2.42
CA LYS A 124 6.75 -14.62 3.88
C LYS A 124 5.40 -14.97 4.45
N LEU A 125 4.35 -14.33 3.96
CA LEU A 125 3.01 -14.55 4.47
C LEU A 125 2.41 -15.87 4.00
N GLY A 126 2.93 -16.41 2.89
CA GLY A 126 2.36 -17.60 2.26
C GLY A 126 1.20 -17.29 1.35
N LEU A 127 1.19 -16.09 0.76
CA LEU A 127 0.05 -15.60 -0.01
C LEU A 127 0.38 -15.35 -1.48
N GLU A 128 1.50 -15.91 -1.95
CA GLU A 128 2.02 -15.54 -3.27
C GLU A 128 1.11 -15.89 -4.46
N ASP A 129 0.17 -16.82 -4.28
CA ASP A 129 -0.77 -17.19 -5.36
C ASP A 129 -2.18 -16.62 -5.20
N CYS A 130 -2.41 -15.83 -4.15
CA CYS A 130 -3.76 -15.45 -3.76
C CYS A 130 -4.32 -14.27 -4.54
N PHE A 131 -3.44 -13.49 -5.16
CA PHE A 131 -3.83 -12.24 -5.79
C PHE A 131 -3.66 -12.27 -7.29
N GLU A 132 -4.63 -11.79 -8.04
CA GLU A 132 -4.44 -11.87 -9.50
C GLU A 132 -3.94 -10.59 -10.19
N GLU A 133 -3.81 -9.48 -9.45
CA GLU A 133 -3.21 -8.29 -9.98
C GLU A 133 -2.49 -7.62 -8.83
N MET A 134 -1.39 -6.95 -9.14
CA MET A 134 -0.69 -6.11 -8.17
C MET A 134 -0.40 -4.75 -8.79
N ILE A 135 -0.92 -3.71 -8.17
CA ILE A 135 -0.62 -2.33 -8.53
C ILE A 135 0.36 -1.85 -7.47
N CYS A 136 1.59 -1.67 -7.90
CA CYS A 136 2.68 -1.30 -7.02
C CYS A 136 3.33 -0.02 -7.51
N PHE A 137 4.45 0.37 -6.86
CA PHE A 137 5.15 1.59 -7.23
C PHE A 137 5.40 1.71 -8.73
N GLU A 138 5.92 0.64 -9.34
CA GLU A 138 6.22 0.68 -10.78
C GLU A 138 4.99 0.93 -11.60
N THR A 139 3.89 0.29 -11.21
CA THR A 139 2.64 0.44 -11.91
C THR A 139 2.19 1.88 -11.97
N MET A 140 2.37 2.59 -10.87
CA MET A 140 1.91 3.98 -10.77
C MET A 140 2.93 4.95 -11.40
N ASN A 141 4.16 4.47 -11.61
CA ASN A 141 5.29 5.29 -12.06
C ASN A 141 6.01 4.60 -13.22
N PRO A 142 5.29 4.30 -14.30
CA PRO A 142 5.84 3.42 -15.34
C PRO A 142 6.90 4.09 -16.23
N ASN A 143 7.02 5.40 -16.15
CA ASN A 143 7.93 6.11 -17.03
C ASN A 143 9.13 6.61 -16.28
N LEU A 144 9.32 6.15 -15.05
CA LEU A 144 10.26 6.76 -14.15
C LEU A 144 11.55 5.96 -14.13
N PHE A 145 11.65 4.92 -14.94
CA PHE A 145 12.78 4.01 -14.81
C PHE A 145 13.86 4.19 -15.90
N GLY A 146 13.58 5.01 -16.92
CA GLY A 146 14.60 5.35 -17.92
C GLY A 146 15.03 6.80 -17.77
N SER A 147 15.70 7.35 -18.79
CA SER A 147 16.08 8.77 -18.77
C SER A 147 14.90 9.76 -18.76
N THR A 148 15.06 10.83 -18.00
CA THR A 148 14.09 11.91 -17.92
C THR A 148 14.71 13.26 -18.35
N THR A 149 13.88 14.21 -18.79
CA THR A 149 14.38 15.52 -19.22
C THR A 149 14.85 16.37 -18.05
N ARG A 150 14.19 16.18 -16.92
CA ARG A 150 14.52 16.81 -15.67
C ARG A 150 14.04 15.84 -14.59
N PRO A 151 14.58 15.97 -13.37
CA PRO A 151 14.24 14.99 -12.34
C PRO A 151 12.73 14.83 -12.12
N ASP A 152 11.93 15.88 -12.28
CA ASP A 152 10.48 15.74 -12.07
C ASP A 152 9.61 15.82 -13.35
N GLU A 153 10.15 15.35 -14.49
CA GLU A 153 9.38 15.21 -15.72
C GLU A 153 8.10 14.37 -15.47
N TYR A 154 8.26 13.27 -14.75
CA TYR A 154 7.17 12.37 -14.35
C TYR A 154 7.09 12.35 -12.81
N PRO A 155 6.33 13.30 -12.21
CA PRO A 155 6.23 13.35 -10.75
C PRO A 155 5.82 12.00 -10.15
N VAL A 156 6.39 11.68 -9.01
CA VAL A 156 6.07 10.40 -8.36
C VAL A 156 4.61 10.35 -7.88
N VAL A 157 3.89 9.29 -8.27
CA VAL A 157 2.50 9.02 -7.91
C VAL A 157 2.44 7.99 -6.78
N LEU A 158 1.72 8.33 -5.70
CA LEU A 158 1.60 7.46 -4.53
C LEU A 158 0.23 7.56 -3.92
N LYS A 159 -0.20 6.50 -3.25
CA LYS A 159 -1.34 6.58 -2.33
C LYS A 159 -0.92 7.62 -1.27
N PRO A 160 -1.84 8.48 -0.78
CA PRO A 160 -3.28 8.48 -0.97
C PRO A 160 -3.80 9.33 -2.12
N SER A 161 -2.94 9.69 -3.08
CA SER A 161 -3.44 10.57 -4.16
C SER A 161 -4.58 9.88 -4.92
N LEU A 162 -5.49 10.70 -5.44
CA LEU A 162 -6.53 10.18 -6.30
C LEU A 162 -5.96 9.71 -7.62
N THR A 163 -4.80 10.25 -8.00
CA THR A 163 -4.10 9.73 -9.18
C THR A 163 -3.76 8.23 -9.00
N ALA A 164 -3.28 7.88 -7.80
CA ALA A 164 -2.96 6.50 -7.48
C ALA A 164 -4.23 5.65 -7.51
N MET A 165 -5.30 6.12 -6.86
CA MET A 165 -6.56 5.42 -6.83
C MET A 165 -7.03 5.12 -8.24
N ASP A 166 -6.95 6.13 -9.09
CA ASP A 166 -7.41 5.99 -10.47
C ASP A 166 -6.62 4.94 -11.25
N ILE A 167 -5.30 4.92 -11.08
CA ILE A 167 -4.48 3.91 -11.74
C ILE A 167 -4.87 2.50 -11.26
N CYS A 168 -5.06 2.34 -9.96
CA CYS A 168 -5.50 1.04 -9.46
C CYS A 168 -6.81 0.58 -10.11
N ILE A 169 -7.77 1.50 -10.17
CA ILE A 169 -9.11 1.17 -10.71
C ILE A 169 -9.00 0.84 -12.19
N ARG A 170 -8.19 1.59 -12.94
CA ARG A 170 -8.07 1.37 -14.38
C ARG A 170 -7.27 0.11 -14.71
N VAL A 171 -6.15 -0.11 -14.05
CA VAL A 171 -5.33 -1.28 -14.37
C VAL A 171 -6.08 -2.57 -14.05
N ALA A 172 -6.71 -2.60 -12.88
CA ALA A 172 -7.44 -3.77 -12.45
C ALA A 172 -8.86 -3.86 -13.03
N ASN A 173 -9.31 -2.87 -13.77
CA ASN A 173 -10.67 -2.82 -14.36
C ASN A 173 -11.74 -3.08 -13.30
N VAL A 174 -11.70 -2.25 -12.26
CA VAL A 174 -12.52 -2.32 -11.06
C VAL A 174 -13.82 -1.57 -11.27
N ASP A 175 -14.94 -2.17 -10.86
CA ASP A 175 -16.17 -1.43 -10.70
C ASP A 175 -16.25 -0.99 -9.24
N PRO A 176 -16.07 0.32 -8.94
CA PRO A 176 -15.99 0.65 -7.52
C PRO A 176 -17.25 0.30 -6.70
N ARG A 177 -18.42 0.28 -7.32
CA ARG A 177 -19.67 -0.12 -6.66
C ARG A 177 -19.68 -1.57 -6.15
N ARG A 178 -18.81 -2.39 -6.70
CA ARG A 178 -18.74 -3.81 -6.43
C ARG A 178 -17.44 -4.19 -5.74
N THR A 179 -16.70 -3.19 -5.27
CA THR A 179 -15.34 -3.43 -4.77
C THR A 179 -15.15 -2.89 -3.37
N VAL A 180 -14.43 -3.66 -2.54
CA VAL A 180 -14.08 -3.20 -1.21
C VAL A 180 -12.57 -3.02 -1.14
N PHE A 181 -12.13 -1.98 -0.45
CA PHE A 181 -10.73 -1.62 -0.32
C PHE A 181 -10.32 -1.67 1.15
N LEU A 182 -9.29 -2.45 1.44
CA LEU A 182 -8.80 -2.66 2.82
C LEU A 182 -7.46 -1.97 2.97
N ASP A 183 -7.31 -1.13 4.00
CA ASP A 183 -6.08 -0.36 4.18
C ASP A 183 -6.02 0.06 5.64
N ASP A 184 -4.81 0.16 6.18
CA ASP A 184 -4.61 0.61 7.58
C ASP A 184 -4.52 2.12 7.69
N ASN A 185 -4.33 2.81 6.57
CA ASN A 185 -4.05 4.24 6.64
C ASN A 185 -5.34 5.04 6.43
N ILE A 186 -5.69 5.89 7.39
CA ILE A 186 -6.91 6.66 7.31
C ILE A 186 -7.02 7.55 6.08
N HIS A 187 -5.90 8.11 5.61
CA HIS A 187 -5.97 8.94 4.42
C HIS A 187 -6.21 8.11 3.17
N ASN A 188 -5.66 6.90 3.12
CA ASN A 188 -5.99 6.03 1.99
C ASN A 188 -7.47 5.64 1.99
N ILE A 189 -8.04 5.35 3.17
CA ILE A 189 -9.47 5.05 3.29
C ILE A 189 -10.34 6.23 2.80
N THR A 190 -9.98 7.44 3.17
CA THR A 190 -10.71 8.60 2.67
C THR A 190 -10.65 8.71 1.16
N ALA A 191 -9.45 8.52 0.60
CA ALA A 191 -9.29 8.58 -0.84
C ALA A 191 -10.14 7.53 -1.54
N GLY A 192 -10.08 6.31 -1.03
CA GLY A 192 -10.87 5.24 -1.61
C GLY A 192 -12.36 5.51 -1.55
N LYS A 193 -12.84 6.03 -0.42
CA LYS A 193 -14.25 6.35 -0.31
C LYS A 193 -14.63 7.42 -1.32
N SER A 194 -13.74 8.36 -1.55
CA SER A 194 -14.08 9.46 -2.47
C SER A 194 -14.27 9.00 -3.92
N VAL A 195 -13.61 7.90 -4.32
CA VAL A 195 -13.75 7.40 -5.69
C VAL A 195 -14.79 6.27 -5.73
N GLY A 196 -15.60 6.18 -4.66
CA GLY A 196 -16.74 5.28 -4.64
C GLY A 196 -16.55 3.87 -4.09
N LEU A 197 -15.37 3.58 -3.57
CA LEU A 197 -15.14 2.24 -3.01
C LEU A 197 -15.77 2.07 -1.65
N ARG A 198 -16.17 0.83 -1.34
CA ARG A 198 -16.49 0.48 0.04
C ARG A 198 -15.18 0.24 0.74
N THR A 199 -15.10 0.53 2.04
CA THR A 199 -13.79 0.67 2.72
C THR A 199 -13.77 -0.09 4.02
N ILE A 200 -12.67 -0.76 4.29
CA ILE A 200 -12.44 -1.46 5.56
C ILE A 200 -11.11 -0.92 6.11
N LEU A 201 -11.21 -0.16 7.19
CA LEU A 201 -10.03 0.31 7.93
C LEU A 201 -9.46 -0.86 8.71
N VAL A 202 -8.18 -1.18 8.51
CA VAL A 202 -7.52 -2.24 9.24
C VAL A 202 -6.63 -1.62 10.33
N GLY A 203 -6.57 -2.25 11.51
CA GLY A 203 -5.72 -1.82 12.59
C GLY A 203 -6.44 -1.00 13.66
N ARG A 204 -7.76 -0.84 13.54
CA ARG A 204 -8.57 -0.15 14.57
C ARG A 204 -9.89 -0.88 14.62
N ALA A 205 -10.53 -0.86 15.78
CA ALA A 205 -11.88 -1.44 15.90
C ALA A 205 -12.94 -0.41 15.59
N GLU A 206 -12.57 0.86 15.68
CA GLU A 206 -13.49 1.96 15.48
C GLU A 206 -13.31 2.61 14.11
N LYS A 207 -14.43 2.92 13.48
CA LYS A 207 -14.47 3.50 12.14
C LYS A 207 -14.23 4.99 12.15
N THR A 208 -13.54 5.45 11.13
CA THR A 208 -13.51 6.86 10.78
C THR A 208 -14.76 7.16 9.97
N LYS A 209 -15.02 8.42 9.67
CA LYS A 209 -16.22 8.76 8.91
C LYS A 209 -16.22 8.13 7.52
N ASP A 210 -15.04 7.88 6.98
CA ASP A 210 -14.95 7.34 5.63
C ASP A 210 -14.78 5.82 5.54
N ALA A 211 -14.78 5.15 6.69
CA ALA A 211 -14.71 3.70 6.77
C ALA A 211 -16.07 3.03 6.89
N ASP A 212 -16.39 2.08 6.01
CA ASP A 212 -17.64 1.34 6.15
C ASP A 212 -17.52 0.29 7.24
N TYR A 213 -16.32 -0.24 7.46
CA TYR A 213 -16.03 -1.23 8.48
C TYR A 213 -14.69 -0.89 9.08
N ALA A 214 -14.40 -1.36 10.28
CA ALA A 214 -13.07 -1.32 10.83
C ALA A 214 -12.81 -2.63 11.54
N VAL A 215 -11.67 -3.25 11.29
CA VAL A 215 -11.25 -4.44 12.00
C VAL A 215 -9.81 -4.29 12.48
N GLU A 216 -9.49 -4.80 13.66
CA GLU A 216 -8.15 -4.69 14.18
C GLU A 216 -7.19 -5.52 13.34
N THR A 217 -7.61 -6.72 12.96
CA THR A 217 -6.82 -7.61 12.14
C THR A 217 -7.62 -8.02 10.92
N VAL A 218 -6.94 -8.21 9.80
CA VAL A 218 -7.60 -8.36 8.52
C VAL A 218 -8.45 -9.67 8.48
N THR A 219 -8.05 -10.71 9.20
CA THR A 219 -8.82 -11.96 9.13
C THR A 219 -10.21 -11.81 9.71
N GLU A 220 -10.46 -10.78 10.52
CA GLU A 220 -11.76 -10.54 11.11
C GLU A 220 -12.82 -10.22 10.08
N ILE A 221 -12.44 -9.92 8.84
CA ILE A 221 -13.47 -9.61 7.84
C ILE A 221 -14.37 -10.83 7.58
N ALA A 222 -13.88 -12.03 7.88
CA ALA A 222 -14.71 -13.22 7.64
C ALA A 222 -16.04 -13.12 8.36
N THR A 223 -16.06 -12.51 9.53
CA THR A 223 -17.31 -12.30 10.26
C THR A 223 -17.81 -10.86 10.26
N ALA A 224 -16.91 -9.87 10.13
CA ALA A 224 -17.31 -8.46 10.18
C ALA A 224 -17.93 -7.99 8.89
N VAL A 225 -17.60 -8.67 7.80
CA VAL A 225 -18.11 -8.28 6.49
C VAL A 225 -18.80 -9.48 5.82
N PRO A 226 -19.97 -9.89 6.37
CA PRO A 226 -20.59 -11.15 5.95
C PRO A 226 -21.07 -11.12 4.51
N GLU A 227 -21.18 -9.94 3.90
CA GLU A 227 -21.58 -9.87 2.50
C GLU A 227 -20.51 -10.43 1.54
N ILE A 228 -19.27 -10.57 2.01
CA ILE A 228 -18.29 -11.29 1.20
C ILE A 228 -18.81 -12.67 0.75
N TRP A 229 -19.64 -13.31 1.60
CA TRP A 229 -20.07 -14.69 1.38
C TRP A 229 -21.38 -14.74 0.62
N ALA A 230 -21.97 -13.59 0.36
CA ALA A 230 -23.27 -13.54 -0.34
C ALA A 230 -23.22 -14.08 -1.78
N THR A 231 -24.29 -14.69 -2.26
CA THR A 231 -24.31 -15.21 -3.63
C THR A 231 -25.18 -14.41 -4.60
N ALA A 232 -25.96 -13.45 -4.14
CA ALA A 232 -26.76 -12.63 -5.04
C ALA A 232 -25.84 -11.81 -5.97
N THR A 233 -26.31 -11.50 -7.17
CA THR A 233 -25.49 -10.74 -8.14
C THR A 233 -26.11 -9.40 -8.52
N ALA A 234 -27.20 -8.99 -7.88
CA ALA A 234 -27.91 -7.83 -8.41
C ALA A 234 -27.51 -6.52 -7.75
MG MG B . -0.42 0.03 4.83
#